data_7P8K
#
_entry.id   7P8K
#
_cell.length_a   105.607
_cell.length_b   105.607
_cell.length_c   66.987
_cell.angle_alpha   90.000
_cell.angle_beta   90.000
_cell.angle_gamma   120.000
#
_symmetry.space_group_name_H-M   'P 61 2 2'
#
loop_
_entity.id
_entity.type
_entity.pdbx_description
1 polymer 'Disease resistance protein RRS1'
2 polymer 'Avirulence protein,Avirulence protein'
3 non-polymer 'ZINC ION'
4 water water
#
loop_
_entity_poly.entity_id
_entity_poly.type
_entity_poly.pdbx_seq_one_letter_code
_entity_poly.pdbx_strand_id
1 'polypeptide(L)' SESKVKKVVSIPAIDEGDLWTWRKYGQKDILGSRFPRGYYRCAYKFTHGCKATKQVQRSETDSNMLAITYLSEHNHPRPT B
2 'polypeptide(L)'
;GPGKRVYQIGSSSRDVQVCPRGAGAALRQEIEDKQLMVNNLTDELQDAIDEANPAEIANTSQQLRHARADLADLQRRFAV
LRNEDRRINQ
;
A
#
# COMPACT_ATOMS: atom_id res chain seq x y z
N GLY A 17 -10.93 -4.85 16.46
CA GLY A 17 -12.05 -4.99 15.48
C GLY A 17 -11.82 -4.18 14.21
N ASP A 18 -12.72 -4.31 13.23
CA ASP A 18 -12.78 -3.45 12.01
C ASP A 18 -13.98 -3.84 11.14
N LEU A 19 -14.90 -2.90 10.91
CA LEU A 19 -16.24 -3.17 10.35
C LEU A 19 -16.27 -2.86 8.84
N TRP A 20 -15.16 -2.38 8.27
CA TRP A 20 -15.06 -1.96 6.84
C TRP A 20 -14.60 -3.14 5.97
N THR A 21 -14.73 -3.01 4.65
CA THR A 21 -14.19 -3.97 3.64
C THR A 21 -12.97 -3.34 2.97
N TRP A 22 -11.87 -4.10 2.91
CA TRP A 22 -10.53 -3.65 2.46
C TRP A 22 -10.04 -4.50 1.28
N ARG A 23 -9.08 -3.97 0.53
CA ARG A 23 -8.29 -4.74 -0.48
C ARG A 23 -6.81 -4.37 -0.29
N LYS A 24 -5.98 -5.35 0.06
CA LYS A 24 -4.53 -5.19 0.30
C LYS A 24 -3.86 -4.78 -1.01
N TYR A 25 -3.22 -3.61 -1.06
CA TYR A 25 -2.54 -3.09 -2.27
C TYR A 25 -1.02 -3.27 -2.14
N GLY A 26 -0.49 -3.58 -0.96
CA GLY A 26 0.95 -3.88 -0.79
C GLY A 26 1.35 -4.23 0.64
N GLN A 27 2.60 -4.65 0.80
CA GLN A 27 3.24 -4.95 2.10
C GLN A 27 4.72 -4.52 2.07
N LYS A 28 5.26 -4.17 3.23
CA LYS A 28 6.70 -3.79 3.40
C LYS A 28 7.35 -4.74 4.41
N ASP A 29 8.53 -5.28 4.07
CA ASP A 29 9.43 -5.94 5.04
C ASP A 29 9.93 -4.87 6.01
N ILE A 30 9.56 -4.98 7.28
CA ILE A 30 10.00 -4.07 8.38
C ILE A 30 11.33 -4.60 8.88
N LEU A 31 12.17 -3.73 9.44
CA LEU A 31 13.45 -4.12 10.10
C LEU A 31 13.13 -4.69 11.48
N GLY A 32 13.81 -5.77 11.85
CA GLY A 32 13.68 -6.45 13.15
C GLY A 32 12.31 -7.09 13.32
N SER A 33 11.69 -7.52 12.21
CA SER A 33 10.42 -8.29 12.21
C SER A 33 10.32 -9.13 10.92
N ARG A 34 9.96 -10.41 11.08
CA ARG A 34 9.62 -11.36 9.98
C ARG A 34 8.17 -11.15 9.57
N PHE A 35 7.43 -10.33 10.34
CA PHE A 35 6.04 -9.91 10.04
C PHE A 35 6.05 -8.65 9.20
N PRO A 36 5.67 -8.72 7.91
CA PRO A 36 5.55 -7.52 7.07
C PRO A 36 4.31 -6.68 7.38
N ARG A 37 4.42 -5.36 7.21
CA ARG A 37 3.29 -4.41 7.36
C ARG A 37 2.41 -4.53 6.11
N GLY A 38 1.10 -4.67 6.33
CA GLY A 38 0.07 -4.71 5.27
C GLY A 38 -0.50 -3.33 4.99
N TYR A 39 -0.55 -2.95 3.72
CA TYR A 39 -1.12 -1.66 3.26
C TYR A 39 -2.44 -1.98 2.57
N TYR A 40 -3.54 -1.47 3.13
CA TYR A 40 -4.94 -1.75 2.71
C TYR A 40 -5.66 -0.45 2.33
N ARG A 41 -6.44 -0.51 1.23
CA ARG A 41 -7.32 0.59 0.74
C ARG A 41 -8.77 0.11 0.71
N CYS A 42 -9.73 1.03 0.85
CA CYS A 42 -11.17 0.68 0.95
C CYS A 42 -11.59 -0.07 -0.33
N ALA A 43 -12.40 -1.12 -0.17
CA ALA A 43 -12.97 -1.90 -1.28
C ALA A 43 -13.72 -0.94 -2.22
N TYR A 44 -14.17 0.21 -1.69
CA TYR A 44 -15.04 1.18 -2.42
C TYR A 44 -14.19 2.33 -2.97
N LYS A 45 -12.86 2.19 -2.92
CA LYS A 45 -11.91 3.21 -3.44
C LYS A 45 -12.33 3.65 -4.83
N PHE A 46 -12.72 2.70 -5.70
CA PHE A 46 -12.96 2.96 -7.15
C PHE A 46 -14.45 3.20 -7.40
N THR A 47 -15.32 2.40 -6.80
CA THR A 47 -16.79 2.45 -7.03
C THR A 47 -17.35 3.76 -6.44
N HIS A 48 -16.84 4.20 -5.29
CA HIS A 48 -17.37 5.34 -4.49
C HIS A 48 -16.34 6.48 -4.34
N GLY A 49 -15.11 6.28 -4.82
CA GLY A 49 -14.04 7.30 -4.77
C GLY A 49 -13.38 7.39 -3.39
N CYS A 50 -13.59 6.38 -2.53
CA CYS A 50 -13.15 6.39 -1.11
C CYS A 50 -11.61 6.57 -1.03
N LYS A 51 -11.15 7.40 -0.09
CA LYS A 51 -9.73 7.77 0.10
C LYS A 51 -9.11 6.90 1.21
N ALA A 52 -9.95 6.32 2.08
CA ALA A 52 -9.57 5.66 3.34
C ALA A 52 -8.54 4.57 3.08
N THR A 53 -7.56 4.45 3.97
CA THR A 53 -6.51 3.39 3.98
C THR A 53 -6.19 3.03 5.42
N LYS A 54 -5.56 1.87 5.63
CA LYS A 54 -5.09 1.44 6.98
C LYS A 54 -3.82 0.62 6.81
N GLN A 55 -2.92 0.70 7.78
CA GLN A 55 -1.67 -0.09 7.82
C GLN A 55 -1.72 -1.00 9.05
N VAL A 56 -1.47 -2.28 8.84
CA VAL A 56 -1.65 -3.35 9.85
C VAL A 56 -0.29 -4.00 10.12
N GLN A 57 0.10 -4.09 11.38
CA GLN A 57 1.39 -4.65 11.85
C GLN A 57 1.13 -5.66 12.96
N ARG A 58 1.57 -6.90 12.75
CA ARG A 58 1.57 -7.94 13.81
C ARG A 58 3.00 -8.04 14.34
N SER A 59 3.18 -8.56 15.55
CA SER A 59 4.48 -8.76 16.23
C SER A 59 4.69 -10.25 16.49
N GLU A 60 5.76 -10.83 15.93
CA GLU A 60 6.11 -12.27 16.16
C GLU A 60 6.25 -12.52 17.67
N THR A 61 6.81 -11.55 18.42
CA THR A 61 7.10 -11.64 19.88
C THR A 61 5.79 -11.53 20.67
N ASP A 62 5.25 -10.31 20.79
CA ASP A 62 3.97 -10.02 21.50
C ASP A 62 2.84 -10.68 20.70
N SER A 63 2.29 -11.77 21.23
CA SER A 63 1.41 -12.76 20.55
C SER A 63 0.05 -12.14 20.18
N ASN A 64 -0.57 -11.43 21.13
CA ASN A 64 -1.97 -10.95 21.08
C ASN A 64 -2.04 -9.50 20.57
N MET A 65 -0.93 -8.76 20.56
CA MET A 65 -0.94 -7.33 20.17
C MET A 65 -1.16 -7.23 18.66
N LEU A 66 -1.90 -6.20 18.22
CA LEU A 66 -2.11 -5.83 16.80
C LEU A 66 -2.11 -4.30 16.69
N ALA A 67 -1.24 -3.75 15.85
CA ALA A 67 -1.06 -2.30 15.63
C ALA A 67 -1.60 -1.92 14.25
N ILE A 68 -2.63 -1.06 14.22
CA ILE A 68 -3.26 -0.53 12.99
C ILE A 68 -3.13 1.00 12.98
N THR A 69 -2.78 1.54 11.82
CA THR A 69 -2.82 3.00 11.51
C THR A 69 -3.89 3.23 10.44
N TYR A 70 -4.95 3.96 10.78
CA TYR A 70 -6.00 4.42 9.82
C TYR A 70 -5.64 5.82 9.31
N LEU A 71 -5.59 6.00 7.99
CA LEU A 71 -5.47 7.32 7.32
C LEU A 71 -6.76 7.58 6.54
N SER A 72 -7.44 8.70 6.84
CA SER A 72 -8.63 9.27 6.12
C SER A 72 -9.91 8.51 6.49
N GLU A 73 -10.99 9.25 6.70
CA GLU A 73 -12.34 8.68 6.97
C GLU A 73 -12.94 8.23 5.64
N HIS A 74 -13.93 7.33 5.68
CA HIS A 74 -14.65 6.80 4.49
C HIS A 74 -15.68 7.82 4.02
N ASN A 75 -15.95 7.86 2.71
CA ASN A 75 -16.98 8.73 2.09
C ASN A 75 -18.23 7.88 1.79
N HIS A 76 -18.62 7.03 2.75
CA HIS A 76 -19.80 6.13 2.67
C HIS A 76 -20.02 5.50 4.05
N PRO A 77 -21.21 4.95 4.33
CA PRO A 77 -21.43 4.20 5.57
C PRO A 77 -20.77 2.81 5.44
N ARG A 78 -20.56 2.11 6.55
CA ARG A 78 -20.04 0.72 6.52
C ARG A 78 -21.15 -0.18 5.99
N PRO A 79 -20.84 -1.21 5.17
CA PRO A 79 -21.86 -2.03 4.53
C PRO A 79 -22.25 -3.25 5.37
N THR A 80 -23.36 -3.92 5.00
CA THR A 80 -23.90 -5.12 5.67
C THR A 80 -22.97 -6.32 5.41
N GLY B 22 -14.63 0.27 -19.86
CA GLY B 22 -13.56 -0.48 -20.59
C GLY B 22 -13.26 -1.82 -19.93
N ALA B 23 -12.91 -2.83 -20.75
CA ALA B 23 -12.60 -4.22 -20.33
C ALA B 23 -11.40 -4.24 -19.38
N GLY B 24 -10.24 -3.77 -19.85
CA GLY B 24 -8.99 -3.67 -19.05
C GLY B 24 -9.00 -2.45 -18.14
N ALA B 25 -10.08 -2.25 -17.37
CA ALA B 25 -10.24 -1.16 -16.38
C ALA B 25 -9.66 -1.60 -15.03
N ALA B 26 -9.53 -2.91 -14.81
CA ALA B 26 -8.86 -3.52 -13.64
C ALA B 26 -7.36 -3.22 -13.72
N LEU B 27 -6.81 -3.17 -14.93
CA LEU B 27 -5.41 -2.75 -15.20
C LEU B 27 -5.23 -1.29 -14.75
N ARG B 28 -6.25 -0.45 -14.94
CA ARG B 28 -6.25 0.96 -14.47
C ARG B 28 -6.24 0.97 -12.93
N GLN B 29 -7.06 0.12 -12.31
CA GLN B 29 -7.15 0.00 -10.82
C GLN B 29 -5.80 -0.50 -10.29
N GLU B 30 -5.36 -1.67 -10.74
CA GLU B 30 -4.08 -2.29 -10.29
C GLU B 30 -2.98 -1.22 -10.31
N ILE B 31 -2.91 -0.46 -11.40
CA ILE B 31 -1.88 0.59 -11.62
C ILE B 31 -1.91 1.59 -10.46
N GLU B 32 -3.08 2.13 -10.14
CA GLU B 32 -3.24 3.19 -9.11
C GLU B 32 -2.92 2.63 -7.71
N ASP B 33 -3.32 1.39 -7.45
CA ASP B 33 -3.01 0.66 -6.19
C ASP B 33 -1.48 0.58 -6.05
N LYS B 34 -0.78 0.26 -7.12
CA LYS B 34 0.70 0.15 -7.14
C LYS B 34 1.29 1.55 -6.96
N GLN B 35 0.85 2.51 -7.77
CA GLN B 35 1.25 3.94 -7.66
C GLN B 35 1.04 4.40 -6.21
N LEU B 36 0.01 3.91 -5.52
CA LEU B 36 -0.25 4.30 -4.10
C LEU B 36 0.88 3.74 -3.23
N MET B 37 1.22 2.47 -3.40
CA MET B 37 2.29 1.81 -2.60
C MET B 37 3.61 2.53 -2.88
N VAL B 38 3.89 2.84 -4.15
CA VAL B 38 5.10 3.60 -4.56
C VAL B 38 5.13 4.92 -3.78
N ASN B 39 3.96 5.53 -3.56
CA ASN B 39 3.86 6.85 -2.86
C ASN B 39 4.17 6.65 -1.37
N ASN B 40 3.64 5.59 -0.77
CA ASN B 40 3.92 5.26 0.65
C ASN B 40 5.43 5.06 0.80
N LEU B 41 6.00 4.22 -0.06
CA LEU B 41 7.43 3.84 0.03
C LEU B 41 8.29 5.08 -0.17
N THR B 42 7.88 5.98 -1.05
CA THR B 42 8.56 7.27 -1.28
C THR B 42 8.43 8.12 0.00
N ASP B 43 7.21 8.32 0.52
CA ASP B 43 7.01 9.03 1.79
C ASP B 43 8.00 8.49 2.84
N GLU B 44 8.06 7.17 3.01
CA GLU B 44 8.86 6.52 4.08
C GLU B 44 10.34 6.81 3.79
N LEU B 45 10.78 6.59 2.55
CA LEU B 45 12.19 6.83 2.13
C LEU B 45 12.59 8.27 2.46
N GLN B 46 11.75 9.26 2.15
CA GLN B 46 12.03 10.68 2.46
C GLN B 46 11.98 10.86 3.99
N ASP B 47 10.99 10.26 4.68
CA ASP B 47 10.95 10.28 6.16
C ASP B 47 12.26 9.73 6.72
N ALA B 48 12.73 8.60 6.18
CA ALA B 48 13.98 7.92 6.60
C ALA B 48 15.19 8.82 6.33
N ILE B 49 15.18 9.59 5.23
CA ILE B 49 16.27 10.57 4.89
C ILE B 49 16.25 11.73 5.89
N ASP B 50 15.07 12.23 6.23
CA ASP B 50 14.88 13.29 7.26
C ASP B 50 15.43 12.77 8.59
N GLU B 51 15.06 11.54 8.96
CA GLU B 51 15.45 10.90 10.25
C GLU B 51 16.92 10.47 10.22
N ALA B 52 17.56 10.50 9.04
CA ALA B 52 18.99 10.15 8.84
C ALA B 52 19.21 8.73 9.38
N ASN B 53 18.41 7.79 8.88
CA ASN B 53 18.37 6.36 9.29
C ASN B 53 18.86 5.51 8.13
N PRO B 54 20.19 5.43 7.87
CA PRO B 54 20.70 4.79 6.67
C PRO B 54 20.20 3.36 6.47
N ALA B 55 19.99 2.62 7.57
CA ALA B 55 19.46 1.23 7.57
C ALA B 55 18.06 1.22 6.94
N GLU B 56 17.19 2.15 7.36
CA GLU B 56 15.80 2.27 6.83
C GLU B 56 15.82 2.86 5.42
N ILE B 57 16.81 3.70 5.09
CA ILE B 57 16.99 4.19 3.69
C ILE B 57 17.21 2.96 2.79
N ALA B 58 18.20 2.13 3.13
CA ALA B 58 18.52 0.87 2.40
C ALA B 58 17.27 0.00 2.23
N ASN B 59 16.53 -0.23 3.33
CA ASN B 59 15.36 -1.14 3.37
C ASN B 59 14.27 -0.64 2.41
N THR B 60 13.93 0.65 2.50
CA THR B 60 12.79 1.29 1.80
C THR B 60 13.14 1.52 0.33
N SER B 61 14.31 2.10 0.06
CA SER B 61 14.82 2.34 -1.32
C SER B 61 14.84 1.03 -2.12
N GLN B 62 15.34 -0.05 -1.53
CA GLN B 62 15.41 -1.40 -2.17
C GLN B 62 14.02 -1.89 -2.55
N GLN B 63 13.04 -1.73 -1.66
CA GLN B 63 11.64 -2.23 -1.84
C GLN B 63 10.88 -1.26 -2.74
N LEU B 64 11.35 -0.02 -2.85
CA LEU B 64 10.77 1.02 -3.75
C LEU B 64 11.17 0.71 -5.19
N ARG B 65 12.38 0.21 -5.45
CA ARG B 65 12.79 -0.22 -6.82
C ARG B 65 11.78 -1.28 -7.31
N HIS B 66 11.52 -2.29 -6.48
CA HIS B 66 10.68 -3.47 -6.84
C HIS B 66 9.27 -2.99 -7.16
N ALA B 67 8.70 -2.17 -6.27
CA ALA B 67 7.35 -1.57 -6.42
C ALA B 67 7.27 -0.75 -7.72
N ARG B 68 8.32 0.01 -8.05
CA ARG B 68 8.32 0.95 -9.20
C ARG B 68 8.41 0.16 -10.51
N ALA B 69 9.22 -0.91 -10.53
CA ALA B 69 9.32 -1.87 -11.66
C ALA B 69 7.95 -2.51 -11.90
N ASP B 70 7.27 -2.95 -10.83
CA ASP B 70 5.91 -3.56 -10.92
C ASP B 70 5.00 -2.56 -11.64
N LEU B 71 5.05 -1.30 -11.18
CA LEU B 71 4.27 -0.16 -11.72
C LEU B 71 4.60 0.00 -13.22
N ALA B 72 5.89 0.06 -13.55
CA ALA B 72 6.38 0.16 -14.94
C ALA B 72 5.76 -0.94 -15.80
N ASP B 73 5.76 -2.18 -15.33
CA ASP B 73 5.29 -3.40 -16.06
C ASP B 73 3.80 -3.27 -16.38
N LEU B 74 3.01 -2.80 -15.41
CA LEU B 74 1.53 -2.63 -15.52
C LEU B 74 1.21 -1.53 -16.52
N GLN B 75 2.09 -0.54 -16.64
CA GLN B 75 1.91 0.60 -17.58
C GLN B 75 2.23 0.12 -19.00
N ARG B 76 3.29 -0.66 -19.17
CA ARG B 76 3.60 -1.31 -20.48
C ARG B 76 2.34 -2.05 -20.95
N ARG B 77 1.74 -2.87 -20.08
CA ARG B 77 0.54 -3.70 -20.42
C ARG B 77 -0.59 -2.80 -20.94
N PHE B 78 -0.76 -1.62 -20.34
CA PHE B 78 -1.83 -0.64 -20.68
C PHE B 78 -1.57 -0.10 -22.08
N ALA B 79 -0.36 0.43 -22.32
CA ALA B 79 0.11 0.97 -23.62
C ALA B 79 -0.18 -0.05 -24.74
N VAL B 80 -0.03 -1.35 -24.44
CA VAL B 80 -0.31 -2.47 -25.38
C VAL B 80 -1.78 -2.37 -25.83
N LEU B 81 -2.72 -2.28 -24.88
CA LEU B 81 -4.19 -2.23 -25.14
C LEU B 81 -4.53 -0.99 -25.98
N ARG B 82 -3.93 0.16 -25.65
CA ARG B 82 -4.09 1.43 -26.43
C ARG B 82 -3.80 1.14 -27.92
N ASN B 83 -2.82 0.29 -28.21
CA ASN B 83 -2.41 -0.09 -29.59
C ASN B 83 -3.27 -1.27 -30.09
#